data_4EDW
#
_entry.id   4EDW
#
_cell.length_a   64.700
_cell.length_b   92.707
_cell.length_c   252.729
_cell.angle_alpha   90.00
_cell.angle_beta   90.00
_cell.angle_gamma   90.00
#
_symmetry.space_group_name_H-M   'C 2 2 21'
#
loop_
_entity.id
_entity.type
_entity.pdbx_description
1 polymer 'Beta-nerve growth factor'
2 polymer 'tanezumab Fab light chain'
3 polymer 'tanezumab Fab heavy chain'
4 non-polymer GLYCEROL
5 water water
#
loop_
_entity_poly.entity_id
_entity_poly.type
_entity_poly.pdbx_seq_one_letter_code
_entity_poly.pdbx_strand_id
1 'polypeptide(L)'
;SSSHPIFHRGEFSVCDSVSVWVGDKTTATDIKGKEVMVLGEVNINNSVFKQYFFETKCRDPNPVDSGCRGIDSKHWNSYC
TTTHTFVKALTMDGKQAAWRFIRIDTACVCVLSRKAVRRA
;
V
2 'polypeptide(L)'
;DIQMTQSPSSLSASVGDRVTITCRASQSISNNLNWYQQKPGKAPKLLIYYTSRFHSGVPSRFSGSGSGTDFTFTISSLQP
EDIATYYCQQEHTLPYTFGQGTKLEIKRTVAAPSVFIFPPSDEQLKSGTASVVCLLNNFYPREAKVQWKVDNALQSGNSQ
ESVTEQDSKDSTYSLSSTLTLSKADYEKHKVYACEVTHQGLSSPVTKSFNRGEC
;
L
3 'polypeptide(L)'
;QVQLQESGPGLVKPSETLSLTCTVSGFSLIGYDLNWIRQPPGKGLEWIGIIWGDGTTDYNSAVKSRVTISKDTSKNQFSL
KLSSVTAADTAVYYCARGGYWYATSYYFDYWGQGTLVTVSSASTKGPSVFPLAPCSRSTSESTAALGCLVKDYFPEPVTV
SWNSGALTSGVHTFPAVLQSSGLYSLSSVVTVPSSNFGTQTYTCNVDHKPSNTKVDKTVERKTSHHHHHHG
;
H
#
loop_
_chem_comp.id
_chem_comp.type
_chem_comp.name
_chem_comp.formula
GOL non-polymer GLYCEROL 'C3 H8 O3'
#
# COMPACT_ATOMS: atom_id res chain seq x y z
N HIS A 8 9.02 -20.53 -14.58
CA HIS A 8 8.45 -21.82 -14.18
C HIS A 8 9.14 -22.42 -12.94
N ARG A 9 10.49 -22.46 -12.93
CA ARG A 9 11.33 -22.99 -11.83
C ARG A 9 12.39 -21.97 -11.45
N GLY A 10 12.74 -21.09 -12.42
CA GLY A 10 13.74 -20.06 -12.28
C GLY A 10 13.42 -18.97 -11.28
N GLU A 11 14.32 -18.79 -10.33
CA GLU A 11 14.21 -17.83 -9.25
C GLU A 11 14.98 -16.55 -9.53
N PHE A 12 16.10 -16.69 -10.27
CA PHE A 12 17.00 -15.62 -10.64
C PHE A 12 17.57 -15.85 -12.03
N SER A 13 18.03 -14.77 -12.62
CA SER A 13 18.74 -14.72 -13.87
C SER A 13 20.22 -14.78 -13.53
N VAL A 14 21.05 -15.30 -14.43
CA VAL A 14 22.51 -15.29 -14.28
C VAL A 14 22.98 -13.86 -14.62
N CYS A 15 22.16 -13.12 -15.40
CA CYS A 15 22.40 -11.76 -15.86
C CYS A 15 21.24 -10.82 -15.62
N ASP A 16 21.50 -9.72 -14.89
CA ASP A 16 20.49 -8.70 -14.65
C ASP A 16 20.28 -7.80 -15.86
N SER A 17 19.03 -7.63 -16.29
CA SER A 17 18.71 -6.81 -17.45
C SER A 17 17.71 -5.66 -17.16
N VAL A 18 17.49 -4.81 -18.16
CA VAL A 18 16.53 -3.72 -18.05
C VAL A 18 15.77 -3.62 -19.37
N SER A 19 14.42 -3.68 -19.32
CA SER A 19 13.57 -3.64 -20.51
C SER A 19 12.73 -2.37 -20.52
N VAL A 20 12.85 -1.55 -21.61
CA VAL A 20 12.09 -0.28 -21.72
C VAL A 20 11.53 -0.05 -23.11
N TRP A 21 10.61 0.92 -23.21
CA TRP A 21 10.06 1.45 -24.46
C TRP A 21 10.99 2.60 -24.90
N VAL A 22 11.44 2.56 -26.14
CA VAL A 22 12.30 3.60 -26.70
C VAL A 22 11.50 4.41 -27.71
N GLY A 23 11.26 5.66 -27.39
CA GLY A 23 10.47 6.55 -28.23
C GLY A 23 11.24 7.75 -28.77
N ASP A 24 12.50 7.93 -28.32
CA ASP A 24 13.36 9.05 -28.72
C ASP A 24 14.59 8.64 -29.57
N LYS A 25 14.48 7.53 -30.31
CA LYS A 25 15.56 7.03 -31.17
C LYS A 25 15.74 7.89 -32.44
N THR A 26 16.97 8.39 -32.64
CA THR A 26 17.36 9.23 -33.79
C THR A 26 18.37 8.55 -34.70
N THR A 27 19.30 7.74 -34.12
CA THR A 27 20.30 6.99 -34.88
C THR A 27 20.34 5.51 -34.53
N ALA A 28 20.68 4.70 -35.54
CA ALA A 28 20.82 3.24 -35.44
C ALA A 28 21.69 2.78 -36.58
N THR A 29 22.45 1.69 -36.35
CA THR A 29 23.28 1.11 -37.42
C THR A 29 22.40 0.10 -38.12
N ASP A 30 22.28 0.21 -39.45
CA ASP A 30 21.45 -0.74 -40.23
C ASP A 30 22.15 -2.11 -40.39
N ILE A 31 21.53 -3.03 -41.16
CA ILE A 31 22.06 -4.36 -41.42
C ILE A 31 23.37 -4.31 -42.27
N LYS A 32 23.61 -3.20 -42.99
CA LYS A 32 24.81 -2.99 -43.81
C LYS A 32 25.99 -2.42 -43.01
N GLY A 33 25.78 -2.24 -41.70
CA GLY A 33 26.76 -1.74 -40.74
C GLY A 33 27.03 -0.25 -40.81
N LYS A 34 26.13 0.50 -41.47
CA LYS A 34 26.22 1.93 -41.67
C LYS A 34 25.25 2.71 -40.78
N GLU A 35 25.75 3.81 -40.17
CA GLU A 35 25.00 4.73 -39.31
C GLU A 35 23.87 5.32 -40.15
N VAL A 36 22.68 5.34 -39.59
CA VAL A 36 21.51 5.76 -40.32
C VAL A 36 20.59 6.59 -39.41
N MET A 37 19.88 7.59 -40.00
CA MET A 37 18.97 8.47 -39.27
C MET A 37 17.59 7.80 -39.22
N VAL A 38 17.05 7.63 -37.99
CA VAL A 38 15.75 7.00 -37.69
C VAL A 38 14.68 8.08 -37.54
N LEU A 39 13.60 7.96 -38.35
CA LEU A 39 12.47 8.89 -38.37
C LEU A 39 11.55 8.79 -37.14
N GLY A 40 11.02 9.93 -36.73
CA GLY A 40 10.08 10.03 -35.62
C GLY A 40 8.71 9.48 -35.92
N GLU A 41 8.28 9.50 -37.23
CA GLU A 41 6.97 9.01 -37.67
C GLU A 41 6.96 8.11 -38.92
N VAL A 42 6.03 7.13 -38.93
CA VAL A 42 5.74 6.13 -39.99
C VAL A 42 4.25 6.20 -40.33
N ASN A 43 3.82 5.63 -41.49
CA ASN A 43 2.40 5.58 -41.85
C ASN A 43 1.98 4.43 -42.77
N ILE A 44 0.68 4.08 -42.69
CA ILE A 44 -0.09 3.17 -43.55
C ILE A 44 -1.11 4.10 -44.27
N ASN A 45 -1.78 3.60 -45.34
CA ASN A 45 -2.78 4.29 -46.18
C ASN A 45 -3.60 5.42 -45.50
N ASN A 46 -3.90 5.28 -44.19
CA ASN A 46 -4.68 6.26 -43.44
C ASN A 46 -3.91 7.05 -42.36
N SER A 47 -3.47 6.37 -41.27
CA SER A 47 -2.84 7.04 -40.13
C SER A 47 -1.33 6.96 -39.91
N VAL A 48 -0.79 8.05 -39.33
CA VAL A 48 0.60 8.27 -38.92
C VAL A 48 0.81 7.77 -37.49
N PHE A 49 1.93 7.09 -37.27
CA PHE A 49 2.32 6.52 -35.97
C PHE A 49 3.70 7.00 -35.57
N LYS A 50 3.89 7.27 -34.26
CA LYS A 50 5.21 7.65 -33.74
C LYS A 50 6.01 6.36 -33.59
N GLN A 51 7.29 6.36 -34.00
CA GLN A 51 8.15 5.16 -33.95
C GLN A 51 8.66 4.82 -32.57
N TYR A 52 8.24 3.65 -32.07
CA TYR A 52 8.60 3.09 -30.76
C TYR A 52 9.19 1.72 -30.89
N PHE A 53 10.15 1.41 -30.00
CA PHE A 53 10.88 0.13 -29.96
C PHE A 53 10.97 -0.36 -28.52
N PHE A 54 11.03 -1.66 -28.34
CA PHE A 54 11.16 -2.30 -27.03
C PHE A 54 12.58 -2.81 -26.95
N GLU A 55 13.29 -2.38 -25.90
CA GLU A 55 14.71 -2.73 -25.76
C GLU A 55 15.06 -3.28 -24.41
N THR A 56 15.90 -4.33 -24.43
CA THR A 56 16.46 -4.98 -23.24
C THR A 56 17.99 -4.88 -23.29
N LYS A 57 18.63 -4.51 -22.18
CA LYS A 57 20.09 -4.44 -22.12
C LYS A 57 20.63 -4.82 -20.75
N CYS A 58 21.95 -5.04 -20.64
CA CYS A 58 22.59 -5.37 -19.36
C CYS A 58 22.53 -4.19 -18.41
N ARG A 59 22.38 -4.47 -17.11
CA ARG A 59 22.48 -3.43 -16.10
C ARG A 59 23.98 -3.21 -15.91
N ASP A 60 24.36 -1.94 -15.70
CA ASP A 60 25.72 -1.38 -15.53
C ASP A 60 26.97 -2.29 -15.33
N PRO A 61 27.07 -3.22 -14.30
CA PRO A 61 28.31 -4.00 -14.15
C PRO A 61 28.87 -4.85 -15.33
N ASN A 62 28.01 -5.53 -16.13
CA ASN A 62 28.39 -6.39 -17.27
C ASN A 62 29.23 -7.60 -16.84
N VAL A 64 28.08 -9.20 -13.59
CA VAL A 64 26.97 -8.80 -12.73
C VAL A 64 27.27 -8.92 -11.21
N ASP A 65 26.70 -9.94 -10.49
CA ASP A 65 26.88 -10.18 -9.06
C ASP A 65 28.19 -10.95 -8.79
N GLY A 67 31.28 -10.77 -13.82
CA GLY A 67 30.93 -12.13 -13.42
C GLY A 67 29.45 -12.40 -13.35
N CYS A 68 28.96 -13.42 -14.08
CA CYS A 68 27.54 -13.78 -14.06
C CYS A 68 27.21 -14.51 -12.80
N ARG A 69 25.93 -14.51 -12.43
CA ARG A 69 25.51 -15.21 -11.21
C ARG A 69 25.42 -16.74 -11.43
N GLY A 70 25.92 -17.48 -10.44
CA GLY A 70 25.90 -18.93 -10.41
C GLY A 70 26.92 -19.65 -11.28
N ILE A 71 27.92 -18.91 -11.78
CA ILE A 71 28.96 -19.46 -12.64
C ILE A 71 30.04 -20.15 -11.80
N ASP A 72 30.54 -21.31 -12.29
CA ASP A 72 31.60 -22.08 -11.66
C ASP A 72 32.91 -21.31 -11.93
N SER A 73 33.29 -20.42 -11.00
CA SER A 73 34.46 -19.54 -11.03
C SER A 73 35.75 -20.31 -11.05
N LYS A 74 35.77 -21.50 -10.45
CA LYS A 74 36.95 -22.36 -10.38
C LYS A 74 37.41 -22.77 -11.78
N HIS A 75 36.45 -22.98 -12.69
CA HIS A 75 36.66 -23.41 -14.08
C HIS A 75 36.45 -22.35 -15.16
N TRP A 76 35.63 -21.31 -14.91
CA TRP A 76 35.28 -20.33 -15.94
C TRP A 76 35.36 -18.85 -15.54
N ASN A 77 35.75 -18.00 -16.51
CA ASN A 77 35.70 -16.54 -16.43
C ASN A 77 34.41 -16.21 -17.17
N SER A 78 33.68 -15.16 -16.76
CA SER A 78 32.40 -14.85 -17.38
C SER A 78 31.98 -13.40 -17.22
N TYR A 79 31.12 -12.95 -18.14
CA TYR A 79 30.57 -11.60 -18.11
C TYR A 79 29.23 -11.52 -18.84
N CYS A 80 28.39 -10.58 -18.42
CA CYS A 80 27.10 -10.33 -19.04
C CYS A 80 27.29 -9.37 -20.18
N THR A 81 26.70 -9.66 -21.33
CA THR A 81 26.85 -8.83 -22.52
C THR A 81 25.54 -8.56 -23.21
N THR A 82 25.39 -7.35 -23.76
CA THR A 82 24.19 -6.94 -24.49
C THR A 82 24.24 -7.47 -25.93
N THR A 83 23.21 -8.24 -26.30
CA THR A 83 23.06 -8.77 -27.64
C THR A 83 21.93 -8.00 -28.31
N HIS A 84 21.81 -8.14 -29.65
CA HIS A 84 20.84 -7.34 -30.40
C HIS A 84 19.91 -8.13 -31.26
N THR A 85 18.93 -7.43 -31.83
CA THR A 85 17.95 -7.96 -32.78
C THR A 85 17.86 -6.98 -33.96
N PHE A 86 17.21 -7.41 -35.04
CA PHE A 86 16.96 -6.54 -36.17
C PHE A 86 15.47 -6.23 -36.13
N VAL A 87 15.14 -4.95 -36.16
CA VAL A 87 13.78 -4.46 -36.19
C VAL A 87 13.65 -3.52 -37.39
N LYS A 88 12.51 -3.61 -38.09
CA LYS A 88 12.27 -2.73 -39.22
C LYS A 88 11.92 -1.33 -38.69
N ALA A 89 12.47 -0.30 -39.33
CA ALA A 89 12.24 1.08 -38.91
C ALA A 89 12.27 2.01 -40.11
N LEU A 90 11.45 3.07 -40.10
CA LEU A 90 11.50 4.05 -41.17
C LEU A 90 12.66 4.96 -40.88
N THR A 91 13.58 4.98 -41.83
CA THR A 91 14.84 5.69 -41.73
C THR A 91 15.03 6.60 -42.94
N MET A 92 16.20 7.26 -43.00
CA MET A 92 16.62 8.12 -44.10
C MET A 92 18.01 7.68 -44.54
N ASP A 93 18.10 7.13 -45.77
CA ASP A 93 19.37 6.68 -46.36
C ASP A 93 20.11 7.87 -47.00
N GLY A 94 19.36 8.67 -47.76
CA GLY A 94 19.84 9.86 -48.45
C GLY A 94 18.72 10.86 -48.55
N LYS A 95 18.17 11.00 -49.76
CA LYS A 95 17.04 11.91 -50.04
C LYS A 95 15.71 11.17 -49.79
N GLN A 96 15.68 9.86 -50.13
CA GLN A 96 14.53 8.97 -50.02
C GLN A 96 14.36 8.37 -48.61
N ALA A 97 13.09 8.15 -48.22
CA ALA A 97 12.73 7.50 -46.95
C ALA A 97 12.88 6.00 -47.18
N ALA A 98 13.29 5.25 -46.15
CA ALA A 98 13.49 3.81 -46.32
C ALA A 98 13.06 2.97 -45.13
N TRP A 99 12.29 1.92 -45.41
CA TRP A 99 11.82 0.92 -44.45
C TRP A 99 12.94 -0.13 -44.44
N ARG A 100 13.86 0.00 -43.45
CA ARG A 100 15.08 -0.81 -43.31
C ARG A 100 15.20 -1.51 -41.97
N PHE A 101 16.00 -2.61 -41.93
CA PHE A 101 16.29 -3.37 -40.71
C PHE A 101 17.40 -2.67 -39.93
N ILE A 102 17.12 -2.29 -38.67
CA ILE A 102 18.09 -1.63 -37.79
C ILE A 102 18.45 -2.54 -36.61
N ARG A 103 19.66 -2.36 -36.06
CA ARG A 103 20.19 -3.11 -34.92
C ARG A 103 19.82 -2.38 -33.63
N ILE A 104 19.14 -3.09 -32.70
CA ILE A 104 18.68 -2.58 -31.41
C ILE A 104 18.96 -3.59 -30.30
N ASP A 105 19.19 -3.12 -29.06
CA ASP A 105 19.44 -3.91 -27.84
C ASP A 105 18.27 -4.81 -27.55
N THR A 106 18.51 -6.12 -27.46
CA THR A 106 17.42 -7.07 -27.22
C THR A 106 17.56 -7.98 -26.00
N ALA A 107 18.80 -8.18 -25.54
CA ALA A 107 19.04 -9.11 -24.45
C ALA A 107 20.32 -8.83 -23.72
N CYS A 108 20.45 -9.52 -22.60
CA CYS A 108 21.63 -9.53 -21.79
C CYS A 108 21.90 -10.98 -21.48
N VAL A 109 22.99 -11.51 -22.08
CA VAL A 109 23.38 -12.90 -21.95
C VAL A 109 24.77 -13.06 -21.33
N CYS A 110 25.00 -14.22 -20.69
CA CYS A 110 26.28 -14.59 -20.09
C CYS A 110 27.10 -15.39 -21.09
N VAL A 111 28.32 -14.93 -21.21
CA VAL A 111 29.31 -15.45 -22.12
C VAL A 111 30.45 -15.97 -21.24
N LEU A 112 30.96 -17.17 -21.55
CA LEU A 112 32.03 -17.86 -20.81
C LEU A 112 33.35 -17.78 -21.54
N SER A 113 34.44 -17.89 -20.76
CA SER A 113 35.82 -17.87 -21.21
C SER A 113 36.62 -18.86 -20.36
N ARG A 114 37.56 -19.59 -20.96
CA ARG A 114 38.36 -20.59 -20.25
C ARG A 114 39.42 -19.97 -19.34
N LYS A 115 39.74 -20.65 -18.22
CA LYS A 115 40.76 -20.22 -17.26
C LYS A 115 42.09 -20.90 -17.54
N ASP B 1 -12.59 -12.36 -18.72
CA ASP B 1 -11.88 -12.07 -17.47
C ASP B 1 -11.50 -13.35 -16.73
N ILE B 2 -10.20 -13.50 -16.39
CA ILE B 2 -9.69 -14.65 -15.65
C ILE B 2 -9.91 -14.38 -14.17
N GLN B 3 -10.47 -15.35 -13.44
CA GLN B 3 -10.71 -15.17 -12.01
C GLN B 3 -9.68 -15.91 -11.15
N MET B 4 -9.03 -15.16 -10.23
CA MET B 4 -8.04 -15.71 -9.31
C MET B 4 -8.69 -15.98 -7.99
N THR B 5 -8.61 -17.22 -7.54
CA THR B 5 -9.16 -17.67 -6.27
C THR B 5 -7.99 -18.13 -5.39
N GLN B 6 -7.79 -17.41 -4.29
CA GLN B 6 -6.75 -17.68 -3.30
C GLN B 6 -7.28 -18.47 -2.11
N SER B 7 -6.44 -19.34 -1.53
CA SER B 7 -6.85 -20.09 -0.35
C SER B 7 -5.67 -20.32 0.62
N PRO B 8 -5.89 -20.18 1.94
CA PRO B 8 -7.13 -19.76 2.62
C PRO B 8 -7.30 -18.24 2.55
N SER B 9 -8.49 -17.70 2.89
CA SER B 9 -8.71 -16.25 2.91
C SER B 9 -7.91 -15.63 4.06
N SER B 10 -7.77 -16.40 5.17
CA SER B 10 -7.05 -16.01 6.39
C SER B 10 -6.33 -17.21 7.03
N LEU B 11 -5.20 -16.90 7.70
CA LEU B 11 -4.33 -17.89 8.32
C LEU B 11 -3.55 -17.33 9.50
N SER B 12 -3.47 -18.12 10.58
CA SER B 12 -2.68 -17.81 11.75
C SER B 12 -1.65 -18.92 11.86
N ALA B 13 -0.37 -18.56 12.06
CA ALA B 13 0.73 -19.50 12.20
C ALA B 13 1.79 -18.95 13.12
N SER B 14 2.55 -19.83 13.76
CA SER B 14 3.60 -19.48 14.71
C SER B 14 4.88 -19.09 13.99
N VAL B 15 5.75 -18.33 14.67
CA VAL B 15 7.06 -17.92 14.14
C VAL B 15 7.87 -19.20 13.95
N GLY B 16 8.49 -19.35 12.79
CA GLY B 16 9.29 -20.54 12.47
C GLY B 16 8.58 -21.54 11.58
N ASP B 17 7.25 -21.45 11.53
CA ASP B 17 6.35 -22.28 10.72
C ASP B 17 6.55 -22.08 9.22
N ARG B 18 6.15 -23.11 8.46
CA ARG B 18 6.14 -23.12 7.01
C ARG B 18 4.69 -22.77 6.65
N VAL B 19 4.51 -21.77 5.81
CA VAL B 19 3.18 -21.33 5.41
C VAL B 19 3.02 -21.55 3.91
N THR B 20 1.87 -22.08 3.50
CA THR B 20 1.59 -22.29 2.08
C THR B 20 0.26 -21.66 1.65
N ILE B 21 0.34 -20.71 0.68
CA ILE B 21 -0.84 -20.01 0.13
C ILE B 21 -1.02 -20.52 -1.29
N THR B 22 -2.27 -20.78 -1.68
CA THR B 22 -2.61 -21.31 -2.99
C THR B 22 -3.32 -20.24 -3.83
N CYS B 23 -3.08 -20.26 -5.15
CA CYS B 23 -3.75 -19.40 -6.12
C CYS B 23 -4.25 -20.30 -7.25
N ARG B 24 -5.51 -20.14 -7.63
CA ARG B 24 -6.16 -20.94 -8.67
C ARG B 24 -6.82 -20.04 -9.73
N ALA B 25 -6.38 -20.17 -10.98
CA ALA B 25 -6.92 -19.35 -12.07
C ALA B 25 -8.08 -20.08 -12.75
N SER B 26 -9.06 -19.34 -13.29
CA SER B 26 -10.23 -19.93 -13.97
C SER B 26 -9.84 -20.62 -15.27
N GLN B 27 -8.89 -20.03 -16.02
CA GLN B 27 -8.36 -20.54 -17.29
C GLN B 27 -6.84 -20.59 -17.12
N SER B 28 -6.14 -21.34 -18.00
CA SER B 28 -4.68 -21.42 -17.94
C SER B 28 -4.05 -20.06 -18.27
N ILE B 29 -3.10 -19.63 -17.42
CA ILE B 29 -2.33 -18.38 -17.50
C ILE B 29 -0.82 -18.69 -17.68
N SER B 30 -0.50 -19.98 -17.94
CA SER B 30 0.83 -20.59 -18.06
C SER B 30 1.75 -20.22 -16.87
N ASN B 31 2.67 -19.25 -17.05
CA ASN B 31 3.53 -18.80 -15.94
C ASN B 31 3.36 -17.29 -15.63
N ASN B 32 2.36 -16.65 -16.25
CA ASN B 32 2.08 -15.23 -16.11
C ASN B 32 1.28 -14.90 -14.86
N LEU B 33 1.94 -15.11 -13.68
CA LEU B 33 1.42 -14.89 -12.34
C LEU B 33 2.46 -14.24 -11.43
N ASN B 34 2.05 -13.13 -10.77
CA ASN B 34 2.84 -12.34 -9.85
C ASN B 34 2.25 -12.42 -8.44
N TRP B 35 3.10 -12.26 -7.40
CA TRP B 35 2.67 -12.26 -6.00
C TRP B 35 3.06 -10.91 -5.34
N TYR B 36 2.06 -10.27 -4.68
CA TYR B 36 2.24 -9.01 -3.92
C TYR B 36 1.95 -9.24 -2.47
N GLN B 37 2.59 -8.43 -1.62
CA GLN B 37 2.42 -8.44 -0.16
C GLN B 37 2.03 -7.04 0.22
N GLN B 38 0.92 -6.90 0.92
CA GLN B 38 0.43 -5.60 1.38
C GLN B 38 0.42 -5.56 2.90
N LYS B 39 1.33 -4.78 3.46
CA LYS B 39 1.45 -4.59 4.91
C LYS B 39 0.41 -3.59 5.37
N PRO B 40 -0.13 -3.79 6.60
CA PRO B 40 -1.15 -2.85 7.14
C PRO B 40 -0.85 -1.37 6.90
N GLY B 41 -1.78 -0.68 6.20
CA GLY B 41 -1.69 0.74 5.84
C GLY B 41 -0.74 1.07 4.70
N LYS B 42 -0.11 0.07 4.09
CA LYS B 42 0.86 0.26 3.01
C LYS B 42 0.34 -0.20 1.67
N ALA B 43 0.92 0.33 0.59
CA ALA B 43 0.61 -0.08 -0.77
C ALA B 43 1.12 -1.51 -0.96
N PRO B 44 0.57 -2.28 -1.93
CA PRO B 44 1.10 -3.63 -2.18
C PRO B 44 2.54 -3.54 -2.69
N LYS B 45 3.37 -4.51 -2.28
CA LYS B 45 4.77 -4.62 -2.66
C LYS B 45 4.98 -5.91 -3.47
N LEU B 46 5.61 -5.80 -4.63
CA LEU B 46 5.95 -6.96 -5.48
C LEU B 46 7.03 -7.82 -4.80
N LEU B 47 6.78 -9.13 -4.71
CA LEU B 47 7.73 -10.11 -4.17
C LEU B 47 8.24 -11.02 -5.29
N ILE B 48 7.29 -11.62 -6.04
CA ILE B 48 7.52 -12.61 -7.07
C ILE B 48 6.80 -12.27 -8.36
N TYR B 49 7.49 -12.46 -9.47
CA TYR B 49 6.92 -12.27 -10.80
C TYR B 49 7.22 -13.50 -11.61
N TYR B 50 6.45 -13.72 -12.69
CA TYR B 50 6.62 -14.87 -13.57
C TYR B 50 6.74 -16.15 -12.78
N THR B 51 5.71 -16.38 -11.94
CA THR B 51 5.54 -17.52 -11.04
C THR B 51 6.57 -17.71 -9.93
N SER B 52 7.90 -17.60 -10.20
CA SER B 52 8.92 -17.91 -9.18
C SER B 52 10.10 -16.95 -9.08
N ARG B 53 10.11 -15.91 -9.92
CA ARG B 53 11.21 -14.95 -9.97
C ARG B 53 11.12 -13.92 -8.86
N PHE B 54 12.22 -13.73 -8.13
CA PHE B 54 12.35 -12.79 -7.03
C PHE B 54 12.54 -11.39 -7.57
N HIS B 55 11.89 -10.43 -6.92
CA HIS B 55 12.10 -9.02 -7.22
C HIS B 55 13.24 -8.52 -6.24
N SER B 56 13.56 -7.23 -6.26
CA SER B 56 14.59 -6.65 -5.38
C SER B 56 14.11 -6.60 -3.91
N GLY B 57 15.03 -6.89 -2.98
CA GLY B 57 14.82 -6.87 -1.55
C GLY B 57 13.77 -7.81 -0.98
N VAL B 58 13.68 -9.05 -1.54
CA VAL B 58 12.74 -10.05 -1.03
C VAL B 58 13.47 -11.16 -0.24
N PRO B 59 12.96 -11.55 0.96
CA PRO B 59 13.67 -12.55 1.78
C PRO B 59 13.83 -13.93 1.16
N SER B 60 14.94 -14.61 1.50
CA SER B 60 15.26 -15.96 1.02
C SER B 60 14.22 -17.00 1.49
N ARG B 61 13.44 -16.65 2.54
CA ARG B 61 12.36 -17.48 3.10
C ARG B 61 11.12 -17.55 2.17
N PHE B 62 10.98 -16.59 1.22
CA PHE B 62 9.87 -16.56 0.27
C PHE B 62 10.21 -17.31 -1.02
N SER B 63 9.18 -17.87 -1.67
CA SER B 63 9.29 -18.66 -2.89
C SER B 63 7.92 -18.80 -3.56
N GLY B 64 7.94 -19.04 -4.86
CA GLY B 64 6.74 -19.24 -5.66
C GLY B 64 6.84 -20.46 -6.55
N SER B 65 5.69 -21.08 -6.81
CA SER B 65 5.63 -22.28 -7.66
C SER B 65 4.31 -22.33 -8.39
N GLY B 66 4.22 -23.23 -9.37
CA GLY B 66 3.00 -23.44 -10.12
C GLY B 66 3.12 -23.42 -11.62
N SER B 67 1.96 -23.62 -12.29
CA SER B 67 1.80 -23.70 -13.74
C SER B 67 0.33 -23.76 -14.15
N GLY B 68 0.02 -23.16 -15.29
CA GLY B 68 -1.31 -23.15 -15.88
C GLY B 68 -2.41 -22.58 -15.00
N THR B 69 -3.02 -23.46 -14.20
CA THR B 69 -4.16 -23.18 -13.32
C THR B 69 -3.84 -23.19 -11.81
N ASP B 70 -2.70 -23.81 -11.40
CA ASP B 70 -2.36 -23.97 -9.99
C ASP B 70 -1.04 -23.35 -9.60
N PHE B 71 -1.05 -22.50 -8.58
CA PHE B 71 0.13 -21.76 -8.11
C PHE B 71 0.22 -21.76 -6.60
N THR B 72 1.46 -21.65 -6.07
CA THR B 72 1.74 -21.68 -4.64
C THR B 72 2.76 -20.60 -4.24
N PHE B 73 2.60 -20.05 -3.04
CA PHE B 73 3.47 -19.08 -2.40
C PHE B 73 3.83 -19.66 -1.03
N THR B 74 5.13 -19.81 -0.76
CA THR B 74 5.61 -20.42 0.48
C THR B 74 6.51 -19.48 1.26
N ILE B 75 6.36 -19.51 2.58
CA ILE B 75 7.22 -18.85 3.55
C ILE B 75 7.81 -20.03 4.33
N SER B 76 9.13 -20.29 4.19
CA SER B 76 9.79 -21.43 4.81
C SER B 76 9.85 -21.35 6.33
N SER B 77 10.15 -20.15 6.87
CA SER B 77 10.23 -19.88 8.31
C SER B 77 9.57 -18.54 8.52
N LEU B 78 8.28 -18.59 8.86
CA LEU B 78 7.45 -17.40 9.11
C LEU B 78 8.06 -16.53 10.21
N GLN B 79 8.22 -15.23 9.91
CA GLN B 79 8.79 -14.23 10.82
C GLN B 79 7.74 -13.20 11.24
N PRO B 80 7.91 -12.49 12.39
CA PRO B 80 6.91 -11.47 12.79
C PRO B 80 6.63 -10.37 11.75
N GLU B 81 7.61 -9.98 10.93
CA GLU B 81 7.44 -8.95 9.89
C GLU B 81 6.61 -9.39 8.68
N ASP B 82 6.27 -10.68 8.58
CA ASP B 82 5.51 -11.22 7.46
C ASP B 82 4.00 -10.98 7.57
N ILE B 83 3.55 -10.28 8.64
CA ILE B 83 2.14 -9.93 8.87
C ILE B 83 1.72 -9.04 7.69
N ALA B 84 0.79 -9.55 6.87
CA ALA B 84 0.30 -8.85 5.68
C ALA B 84 -0.78 -9.63 4.98
N THR B 85 -1.39 -8.98 3.98
CA THR B 85 -2.33 -9.59 3.07
C THR B 85 -1.55 -9.83 1.77
N TYR B 86 -1.52 -11.09 1.34
CA TYR B 86 -0.82 -11.53 0.14
C TYR B 86 -1.82 -11.68 -1.00
N TYR B 87 -1.48 -11.14 -2.19
CA TYR B 87 -2.32 -11.23 -3.39
C TYR B 87 -1.57 -11.81 -4.57
N CYS B 88 -2.20 -12.73 -5.29
CA CYS B 88 -1.65 -13.26 -6.52
C CYS B 88 -2.22 -12.41 -7.67
N GLN B 89 -1.53 -12.30 -8.79
CA GLN B 89 -1.99 -11.44 -9.89
C GLN B 89 -1.64 -12.07 -11.23
N GLN B 90 -2.66 -12.22 -12.06
CA GLN B 90 -2.58 -12.77 -13.43
C GLN B 90 -2.18 -11.63 -14.39
N GLU B 91 -1.19 -11.89 -15.26
CA GLU B 91 -0.76 -10.95 -16.31
C GLU B 91 -0.77 -11.62 -17.71
N HIS B 92 -1.54 -12.71 -17.85
CA HIS B 92 -1.66 -13.47 -19.09
C HIS B 92 -2.52 -12.77 -20.13
N THR B 93 -3.56 -12.05 -19.69
CA THR B 93 -4.50 -11.33 -20.58
C THR B 93 -5.09 -10.11 -19.89
N LEU B 94 -5.60 -9.16 -20.67
CA LEU B 94 -6.26 -8.00 -20.14
C LEU B 94 -7.74 -8.33 -19.97
N PRO B 95 -8.41 -7.94 -18.86
CA PRO B 95 -7.88 -7.11 -17.74
C PRO B 95 -7.07 -7.88 -16.71
N TYR B 96 -6.08 -7.21 -16.13
CA TYR B 96 -5.29 -7.82 -15.05
C TYR B 96 -6.21 -8.00 -13.85
N THR B 97 -6.15 -9.18 -13.23
CA THR B 97 -7.01 -9.57 -12.10
C THR B 97 -6.16 -10.10 -10.95
N PHE B 98 -6.58 -9.79 -9.73
CA PHE B 98 -5.92 -10.24 -8.49
C PHE B 98 -6.83 -11.20 -7.80
N GLY B 99 -6.25 -12.09 -6.98
CA GLY B 99 -6.98 -12.97 -6.08
C GLY B 99 -7.53 -12.11 -4.96
N GLN B 100 -8.51 -12.61 -4.19
CA GLN B 100 -9.16 -11.85 -3.12
C GLN B 100 -8.26 -11.53 -1.89
N GLY B 101 -7.06 -12.13 -1.84
CA GLY B 101 -6.10 -11.94 -0.76
C GLY B 101 -6.14 -12.98 0.34
N THR B 102 -4.97 -13.22 0.97
CA THR B 102 -4.79 -14.14 2.09
C THR B 102 -4.24 -13.34 3.26
N LYS B 103 -5.08 -13.06 4.27
CA LYS B 103 -4.63 -12.32 5.46
C LYS B 103 -3.82 -13.29 6.31
N LEU B 104 -2.62 -12.88 6.64
CA LEU B 104 -1.71 -13.69 7.42
C LEU B 104 -1.45 -13.03 8.76
N GLU B 105 -1.81 -13.71 9.86
CA GLU B 105 -1.55 -13.28 11.22
C GLU B 105 -0.61 -14.26 11.95
N ILE B 106 -0.07 -13.85 13.10
CA ILE B 106 0.90 -14.65 13.86
C ILE B 106 0.32 -15.14 15.17
N LYS B 107 0.52 -16.45 15.45
CA LYS B 107 0.18 -17.07 16.72
C LYS B 107 1.43 -16.87 17.57
N ARG B 108 1.21 -16.28 18.72
CA ARG B 108 2.19 -15.78 19.68
C ARG B 108 1.79 -16.27 21.11
N THR B 109 2.67 -16.08 22.12
CA THR B 109 2.34 -16.45 23.51
C THR B 109 1.39 -15.40 24.10
N VAL B 110 0.74 -15.73 25.22
CA VAL B 110 -0.21 -14.82 25.85
C VAL B 110 0.52 -13.61 26.45
N ALA B 111 0.04 -12.41 26.11
CA ALA B 111 0.58 -11.14 26.59
C ALA B 111 -0.63 -10.40 27.13
N ALA B 112 -0.61 -10.09 28.42
CA ALA B 112 -1.73 -9.41 29.07
C ALA B 112 -1.69 -7.94 28.69
N PRO B 113 -2.85 -7.25 28.56
CA PRO B 113 -2.80 -5.82 28.23
C PRO B 113 -2.34 -4.96 29.40
N SER B 114 -1.88 -3.75 29.07
CA SER B 114 -1.52 -2.69 30.01
C SER B 114 -2.71 -1.73 29.79
N VAL B 115 -3.42 -1.45 30.88
CA VAL B 115 -4.65 -0.65 30.81
C VAL B 115 -4.49 0.76 31.33
N PHE B 116 -5.04 1.73 30.58
CA PHE B 116 -5.03 3.15 30.90
C PHE B 116 -6.43 3.74 30.69
N ILE B 117 -6.86 4.65 31.57
CA ILE B 117 -8.14 5.35 31.45
C ILE B 117 -7.85 6.87 31.35
N PHE B 118 -8.62 7.59 30.50
CA PHE B 118 -8.47 9.04 30.27
C PHE B 118 -9.81 9.68 30.44
N PRO B 119 -9.92 10.71 31.31
CA PRO B 119 -11.21 11.39 31.45
C PRO B 119 -11.48 12.33 30.29
N PRO B 120 -12.69 12.88 30.14
CA PRO B 120 -12.87 13.88 29.09
C PRO B 120 -12.07 15.13 29.46
N SER B 121 -11.60 15.86 28.46
CA SER B 121 -10.87 17.12 28.69
C SER B 121 -11.89 18.21 29.01
N ASP B 122 -11.44 19.27 29.69
CA ASP B 122 -12.27 20.42 30.03
C ASP B 122 -12.78 21.14 28.80
N GLU B 123 -11.95 21.24 27.73
CA GLU B 123 -12.34 21.89 26.47
C GLU B 123 -13.46 21.16 25.70
N GLN B 124 -13.53 19.80 25.80
CA GLN B 124 -14.60 19.02 25.17
C GLN B 124 -15.88 19.17 25.96
N LEU B 125 -15.77 19.22 27.29
CA LEU B 125 -16.89 19.44 28.21
C LEU B 125 -17.61 20.74 27.86
N LYS B 126 -16.87 21.79 27.45
CA LYS B 126 -17.43 23.08 27.04
C LYS B 126 -18.47 22.93 25.92
N SER B 127 -18.24 21.97 25.02
CA SER B 127 -19.06 21.66 23.86
C SER B 127 -20.38 20.90 24.19
N GLY B 128 -20.50 20.33 25.38
CA GLY B 128 -21.67 19.58 25.80
C GLY B 128 -21.58 18.05 25.75
N THR B 129 -20.39 17.51 25.39
CA THR B 129 -20.14 16.07 25.26
C THR B 129 -18.94 15.64 26.10
N ALA B 130 -18.97 14.40 26.61
CA ALA B 130 -17.89 13.81 27.39
C ALA B 130 -17.48 12.50 26.72
N SER B 131 -16.18 12.36 26.40
CA SER B 131 -15.62 11.14 25.83
C SER B 131 -14.59 10.65 26.82
N VAL B 132 -14.83 9.45 27.38
CA VAL B 132 -13.95 8.80 28.34
C VAL B 132 -13.27 7.70 27.51
N VAL B 133 -11.94 7.65 27.52
CA VAL B 133 -11.18 6.70 26.74
C VAL B 133 -10.44 5.65 27.61
N CYS B 134 -10.48 4.40 27.15
CA CYS B 134 -9.77 3.28 27.78
C CYS B 134 -8.82 2.72 26.73
N LEU B 135 -7.56 2.52 27.13
CA LEU B 135 -6.52 2.01 26.23
C LEU B 135 -6.07 0.65 26.72
N LEU B 136 -6.09 -0.36 25.83
CA LEU B 136 -5.55 -1.68 26.12
C LEU B 136 -4.32 -1.81 25.25
N ASN B 137 -3.17 -1.80 25.90
CA ASN B 137 -1.88 -1.80 25.21
C ASN B 137 -1.17 -3.14 25.13
N ASN B 138 -0.65 -3.46 23.94
CA ASN B 138 0.16 -4.65 23.57
C ASN B 138 -0.24 -5.95 24.22
N PHE B 139 -1.35 -6.52 23.77
CA PHE B 139 -1.84 -7.79 24.27
C PHE B 139 -1.96 -8.85 23.18
N TYR B 140 -2.00 -10.10 23.63
CA TYR B 140 -2.22 -11.25 22.77
C TYR B 140 -2.92 -12.35 23.58
N PRO B 141 -4.01 -12.99 23.07
CA PRO B 141 -4.67 -12.82 21.75
C PRO B 141 -5.49 -11.55 21.55
N ARG B 142 -6.04 -11.34 20.32
CA ARG B 142 -6.84 -10.15 19.97
C ARG B 142 -8.09 -10.03 20.83
N GLU B 143 -8.73 -11.17 21.15
CA GLU B 143 -9.95 -11.17 21.97
C GLU B 143 -9.74 -10.57 23.37
N ALA B 144 -10.57 -9.60 23.70
CA ALA B 144 -10.55 -8.82 24.93
C ALA B 144 -11.90 -8.17 25.10
N LYS B 145 -12.35 -8.10 26.35
CA LYS B 145 -13.62 -7.54 26.79
C LYS B 145 -13.34 -6.30 27.63
N VAL B 146 -14.04 -5.22 27.32
CA VAL B 146 -13.97 -3.96 28.00
C VAL B 146 -15.38 -3.72 28.53
N GLN B 147 -15.53 -3.60 29.85
CA GLN B 147 -16.80 -3.23 30.49
C GLN B 147 -16.65 -1.81 31.08
N TRP B 148 -17.46 -0.86 30.63
CA TRP B 148 -17.50 0.49 31.21
C TRP B 148 -18.51 0.45 32.37
N LYS B 149 -18.16 1.08 33.51
CA LYS B 149 -19.01 1.20 34.70
C LYS B 149 -18.97 2.66 35.08
N VAL B 150 -20.13 3.20 35.47
CA VAL B 150 -20.37 4.60 35.87
C VAL B 150 -21.16 4.49 37.18
N ASP B 151 -20.48 4.72 38.31
CA ASP B 151 -21.04 4.55 39.67
C ASP B 151 -21.57 3.14 39.86
N ASN B 152 -20.81 2.17 39.32
CA ASN B 152 -21.07 0.74 39.31
C ASN B 152 -22.22 0.26 38.39
N ALA B 153 -22.71 1.15 37.50
CA ALA B 153 -23.75 0.79 36.54
C ALA B 153 -23.07 0.40 35.23
N LEU B 154 -23.25 -0.87 34.82
CA LEU B 154 -22.66 -1.43 33.59
C LEU B 154 -23.26 -0.74 32.40
N GLN B 155 -22.38 -0.16 31.58
CA GLN B 155 -22.73 0.60 30.39
C GLN B 155 -22.79 -0.26 29.20
N SER B 156 -23.79 0.01 28.34
CA SER B 156 -23.99 -0.72 27.09
C SER B 156 -24.70 0.12 26.03
N GLY B 157 -24.17 0.03 24.81
CA GLY B 157 -24.66 0.75 23.64
C GLY B 157 -24.19 2.19 23.52
N ASN B 158 -23.31 2.64 24.42
CA ASN B 158 -22.81 4.02 24.41
C ASN B 158 -21.29 4.10 24.30
N SER B 159 -20.68 3.04 23.79
CA SER B 159 -19.24 2.94 23.54
C SER B 159 -18.96 2.33 22.19
N GLN B 160 -17.79 2.67 21.63
CA GLN B 160 -17.28 2.18 20.36
C GLN B 160 -15.84 1.86 20.61
N GLU B 161 -15.36 0.77 20.02
CA GLU B 161 -13.97 0.35 20.20
C GLU B 161 -13.30 0.10 18.87
N SER B 162 -11.98 0.19 18.86
CA SER B 162 -11.12 0.06 17.70
C SER B 162 -9.93 -0.77 18.12
N VAL B 163 -9.48 -1.62 17.24
CA VAL B 163 -8.30 -2.46 17.49
C VAL B 163 -7.29 -2.18 16.39
N THR B 164 -6.01 -2.07 16.76
CA THR B 164 -4.95 -1.91 15.79
C THR B 164 -4.69 -3.24 15.08
N GLU B 165 -3.98 -3.17 13.96
CA GLU B 165 -3.53 -4.32 13.21
C GLU B 165 -2.37 -4.93 14.02
N GLN B 166 -2.05 -6.20 13.78
CA GLN B 166 -0.97 -6.86 14.52
C GLN B 166 0.39 -6.18 14.27
N ASP B 167 1.14 -5.92 15.37
CA ASP B 167 2.45 -5.27 15.34
C ASP B 167 3.47 -6.19 14.67
N SER B 168 4.26 -5.64 13.75
CA SER B 168 5.24 -6.41 12.98
C SER B 168 6.50 -6.87 13.74
N LYS B 169 6.63 -6.47 15.02
CA LYS B 169 7.77 -6.84 15.86
C LYS B 169 7.38 -7.86 16.95
N ASP B 170 6.49 -7.45 17.87
CA ASP B 170 6.04 -8.25 19.00
C ASP B 170 4.74 -9.06 18.77
N SER B 171 4.10 -8.92 17.59
CA SER B 171 2.87 -9.65 17.21
C SER B 171 1.65 -9.43 18.12
N THR B 172 1.63 -8.30 18.87
CA THR B 172 0.52 -7.91 19.75
C THR B 172 -0.44 -6.92 19.09
N TYR B 173 -1.57 -6.69 19.79
CA TYR B 173 -2.60 -5.76 19.38
C TYR B 173 -2.78 -4.75 20.48
N SER B 174 -3.36 -3.62 20.13
CA SER B 174 -3.76 -2.57 21.03
C SER B 174 -5.21 -2.19 20.65
N LEU B 175 -5.99 -1.72 21.64
CA LEU B 175 -7.40 -1.38 21.52
C LEU B 175 -7.73 -0.09 22.27
N SER B 176 -8.60 0.75 21.66
CA SER B 176 -9.15 1.86 22.38
C SER B 176 -10.64 1.82 22.33
N SER B 177 -11.24 2.10 23.48
CA SER B 177 -12.67 2.13 23.70
C SER B 177 -13.08 3.54 24.12
N THR B 178 -14.02 4.13 23.41
CA THR B 178 -14.51 5.45 23.78
C THR B 178 -15.93 5.32 24.31
N LEU B 179 -16.15 5.78 25.53
CA LEU B 179 -17.48 5.84 26.15
C LEU B 179 -17.97 7.27 25.92
N THR B 180 -19.11 7.45 25.25
CA THR B 180 -19.66 8.77 24.95
C THR B 180 -20.87 9.08 25.82
N LEU B 181 -20.82 10.24 26.50
CA LEU B 181 -21.89 10.76 27.34
C LEU B 181 -22.08 12.23 27.02
N SER B 182 -23.19 12.80 27.48
CA SER B 182 -23.44 14.23 27.36
C SER B 182 -22.83 14.86 28.62
N LYS B 183 -22.52 16.18 28.58
CA LYS B 183 -21.98 16.90 29.73
C LYS B 183 -22.89 16.69 30.95
N ALA B 184 -24.23 16.85 30.76
CA ALA B 184 -25.25 16.71 31.81
C ALA B 184 -25.18 15.36 32.54
N ASP B 185 -25.17 14.25 31.77
CA ASP B 185 -25.09 12.89 32.31
C ASP B 185 -23.76 12.60 32.97
N TYR B 186 -22.67 13.13 32.39
CA TYR B 186 -21.32 12.95 32.90
C TYR B 186 -21.17 13.62 34.27
N GLU B 187 -21.62 14.88 34.38
CA GLU B 187 -21.61 15.68 35.60
C GLU B 187 -22.52 15.17 36.71
N LYS B 188 -23.38 14.14 36.45
CA LYS B 188 -24.24 13.59 37.49
C LYS B 188 -23.76 12.30 38.16
N HIS B 189 -22.53 11.85 37.83
CA HIS B 189 -21.89 10.65 38.40
C HIS B 189 -20.45 10.88 38.81
N LYS B 190 -19.92 10.06 39.73
CA LYS B 190 -18.57 10.24 40.26
C LYS B 190 -17.49 9.32 39.70
N VAL B 191 -17.68 8.00 39.79
CA VAL B 191 -16.69 6.98 39.43
C VAL B 191 -16.83 6.48 37.99
N TYR B 192 -15.75 6.65 37.19
CA TYR B 192 -15.70 6.15 35.83
C TYR B 192 -14.65 5.07 35.78
N ALA B 193 -15.13 3.82 35.54
CA ALA B 193 -14.29 2.63 35.53
C ALA B 193 -14.32 1.89 34.21
N CYS B 194 -13.19 1.31 33.90
CA CYS B 194 -12.96 0.51 32.73
C CYS B 194 -12.47 -0.87 33.21
N GLU B 195 -13.30 -1.89 33.07
CA GLU B 195 -12.94 -3.24 33.50
C GLU B 195 -12.55 -4.08 32.28
N VAL B 196 -11.36 -4.68 32.31
CA VAL B 196 -10.78 -5.47 31.23
C VAL B 196 -10.65 -6.94 31.59
N THR B 197 -11.19 -7.84 30.72
CA THR B 197 -11.11 -9.29 30.79
C THR B 197 -10.27 -9.72 29.58
N HIS B 198 -9.25 -10.54 29.85
CA HIS B 198 -8.31 -11.07 28.87
C HIS B 198 -7.64 -12.33 29.43
N GLN B 199 -7.27 -13.25 28.53
CA GLN B 199 -6.62 -14.54 28.83
C GLN B 199 -5.33 -14.39 29.63
N GLY B 200 -4.65 -13.26 29.48
CA GLY B 200 -3.40 -12.93 30.16
C GLY B 200 -3.61 -12.42 31.57
N LEU B 201 -4.87 -12.07 31.90
CA LEU B 201 -5.30 -11.56 33.20
C LEU B 201 -6.02 -12.65 33.95
N SER B 202 -5.39 -13.18 35.01
CA SER B 202 -5.93 -14.20 35.93
C SER B 202 -7.35 -13.81 36.40
N SER B 203 -7.52 -12.52 36.72
CA SER B 203 -8.79 -11.92 37.10
C SER B 203 -8.90 -10.59 36.32
N PRO B 204 -10.13 -10.15 35.93
CA PRO B 204 -10.26 -8.84 35.26
C PRO B 204 -9.57 -7.67 35.99
N VAL B 205 -9.01 -6.73 35.24
CA VAL B 205 -8.31 -5.58 35.78
C VAL B 205 -9.17 -4.35 35.53
N THR B 206 -9.32 -3.50 36.58
CA THR B 206 -10.10 -2.26 36.58
C THR B 206 -9.22 -1.02 36.70
N LYS B 207 -9.45 -0.07 35.81
CA LYS B 207 -8.77 1.22 35.81
C LYS B 207 -9.86 2.25 35.93
N SER B 208 -9.72 3.15 36.89
CA SER B 208 -10.78 4.13 37.17
C SER B 208 -10.27 5.48 37.65
N PHE B 209 -11.15 6.48 37.58
CA PHE B 209 -10.91 7.84 38.08
C PHE B 209 -12.21 8.33 38.73
N ASN B 210 -12.12 9.38 39.57
CA ASN B 210 -13.29 10.00 40.18
C ASN B 210 -13.42 11.38 39.58
N ARG B 211 -14.53 11.68 38.89
CA ARG B 211 -14.76 12.98 38.27
C ARG B 211 -14.66 14.08 39.34
N GLY B 212 -13.92 15.13 39.02
CA GLY B 212 -13.72 16.26 39.94
C GLY B 212 -12.44 16.16 40.73
N GLU B 213 -11.53 15.27 40.29
CA GLU B 213 -10.21 15.06 40.88
C GLU B 213 -9.14 15.09 39.76
N CYS B 214 -9.52 15.55 38.54
CA CYS B 214 -8.64 15.63 37.35
C CYS B 214 -8.30 17.06 36.97
N GLN C 1 15.45 6.12 -5.72
CA GLN C 1 15.31 7.02 -6.86
C GLN C 1 13.89 7.05 -7.52
N VAL C 2 13.21 5.89 -7.63
CA VAL C 2 11.86 5.80 -8.22
C VAL C 2 10.77 6.20 -7.21
N GLN C 3 10.05 7.28 -7.52
CA GLN C 3 8.98 7.77 -6.66
C GLN C 3 7.70 8.08 -7.44
N LEU C 4 6.54 7.64 -6.88
CA LEU C 4 5.18 7.82 -7.41
C LEU C 4 4.38 8.42 -6.24
N GLN C 5 3.55 9.42 -6.51
CA GLN C 5 2.73 9.99 -5.43
C GLN C 5 1.40 10.44 -6.00
N GLU C 6 0.31 9.77 -5.60
CA GLU C 6 -1.00 10.20 -6.08
C GLU C 6 -1.59 11.33 -5.26
N SER C 7 -2.41 12.14 -5.90
CA SER C 7 -3.09 13.25 -5.27
C SER C 7 -4.46 13.44 -5.91
N GLY C 8 -5.33 14.08 -5.17
CA GLY C 8 -6.70 14.37 -5.58
C GLY C 8 -7.57 14.63 -4.38
N PRO C 9 -8.84 15.03 -4.62
CA PRO C 9 -9.72 15.32 -3.48
C PRO C 9 -10.25 14.02 -2.87
N GLY C 10 -10.25 13.95 -1.53
CA GLY C 10 -10.76 12.81 -0.81
C GLY C 10 -12.27 12.71 -0.88
N LEU C 11 -12.93 13.77 -1.39
CA LEU C 11 -14.38 13.78 -1.46
C LEU C 11 -14.94 14.25 -2.80
N VAL C 12 -15.73 13.38 -3.43
CA VAL C 12 -16.39 13.65 -4.70
C VAL C 12 -17.90 13.39 -4.51
N LYS C 13 -18.75 14.28 -5.05
CA LYS C 13 -20.20 14.14 -4.92
C LYS C 13 -20.71 13.11 -5.92
N PRO C 14 -21.72 12.25 -5.60
CA PRO C 14 -22.18 11.26 -6.60
C PRO C 14 -22.71 11.90 -7.88
N SER C 15 -22.38 11.28 -9.03
CA SER C 15 -22.65 11.66 -10.44
C SER C 15 -21.60 12.65 -11.01
N GLU C 16 -20.72 13.18 -10.14
CA GLU C 16 -19.65 14.09 -10.56
C GLU C 16 -18.45 13.27 -11.09
N THR C 17 -17.43 13.97 -11.56
CA THR C 17 -16.24 13.31 -12.08
C THR C 17 -15.07 13.35 -11.10
N LEU C 18 -14.55 12.15 -10.78
CA LEU C 18 -13.39 11.91 -9.91
C LEU C 18 -12.14 12.28 -10.75
N SER C 19 -11.20 13.02 -10.15
CA SER C 19 -10.00 13.48 -10.84
C SER C 19 -8.71 13.29 -10.02
N LEU C 20 -7.85 12.36 -10.45
CA LEU C 20 -6.59 12.09 -9.76
C LEU C 20 -5.38 12.29 -10.65
N THR C 21 -4.30 12.86 -10.08
CA THR C 21 -3.02 12.95 -10.76
C THR C 21 -1.98 12.10 -10.00
N CYS C 22 -0.99 11.57 -10.73
CA CYS C 22 0.09 10.78 -10.14
C CYS C 22 1.38 11.49 -10.56
N THR C 23 2.06 12.14 -9.59
CA THR C 23 3.32 12.85 -9.79
C THR C 23 4.51 11.91 -9.55
N VAL C 24 5.36 11.74 -10.59
CA VAL C 24 6.50 10.82 -10.53
C VAL C 24 7.92 11.46 -10.60
N SER C 25 8.96 10.62 -10.34
CA SER C 25 10.40 10.94 -10.42
C SER C 25 11.22 9.63 -10.48
N GLY C 26 12.42 9.68 -11.07
CA GLY C 26 13.38 8.58 -11.16
C GLY C 26 13.41 7.77 -12.46
N PHE C 27 12.39 7.95 -13.30
CA PHE C 27 12.25 7.25 -14.58
C PHE C 27 11.52 8.12 -15.59
N SER C 28 11.67 7.82 -16.90
CA SER C 28 10.95 8.55 -17.94
C SER C 28 9.54 7.99 -18.14
N LEU C 29 8.58 8.88 -18.40
CA LEU C 29 7.16 8.55 -18.60
C LEU C 29 6.93 8.03 -20.02
N ILE C 30 7.95 8.13 -20.88
CA ILE C 30 7.97 7.68 -22.27
C ILE C 30 8.39 6.20 -22.36
N GLY C 31 9.31 5.78 -21.50
CA GLY C 31 9.83 4.41 -21.49
C GLY C 31 9.13 3.44 -20.56
N TYR C 32 8.21 3.93 -19.70
CA TYR C 32 7.51 3.10 -18.72
C TYR C 32 6.00 3.25 -18.80
N ASP C 33 5.31 2.18 -18.43
CA ASP C 33 3.84 2.18 -18.38
C ASP C 33 3.35 2.58 -17.01
N LEU C 34 2.19 3.21 -16.97
CA LEU C 34 1.54 3.51 -15.70
C LEU C 34 0.18 2.89 -15.65
N ASN C 35 -0.12 2.23 -14.53
CA ASN C 35 -1.37 1.56 -14.20
C ASN C 35 -2.12 2.22 -13.03
N TRP C 36 -3.45 2.22 -13.10
CA TRP C 36 -4.27 2.69 -11.98
C TRP C 36 -4.99 1.46 -11.43
N ILE C 37 -4.82 1.23 -10.13
CA ILE C 37 -5.42 0.11 -9.40
C ILE C 37 -6.19 0.68 -8.19
N ARG C 38 -7.36 0.13 -7.87
CA ARG C 38 -8.10 0.64 -6.73
C ARG C 38 -8.42 -0.45 -5.68
N GLN C 39 -8.64 -0.02 -4.44
CA GLN C 39 -8.94 -0.94 -3.36
C GLN C 39 -10.05 -0.35 -2.47
N PRO C 40 -11.34 -0.81 -2.65
CA PRO C 40 -12.42 -0.33 -1.75
C PRO C 40 -12.11 -0.69 -0.30
N PRO C 41 -12.53 0.13 0.70
CA PRO C 41 -12.17 -0.17 2.12
C PRO C 41 -12.49 -1.61 2.54
N GLY C 42 -11.46 -2.28 3.06
CA GLY C 42 -11.54 -3.66 3.52
C GLY C 42 -11.71 -4.70 2.42
N LYS C 43 -11.49 -4.29 1.15
CA LYS C 43 -11.64 -5.18 -0.01
C LYS C 43 -10.35 -5.46 -0.80
N GLY C 44 -10.48 -6.25 -1.88
CA GLY C 44 -9.35 -6.62 -2.72
C GLY C 44 -8.95 -5.53 -3.68
N LEU C 45 -7.98 -5.85 -4.53
CA LEU C 45 -7.44 -4.95 -5.51
C LEU C 45 -8.13 -5.15 -6.86
N GLU C 46 -8.30 -4.06 -7.61
CA GLU C 46 -8.93 -4.04 -8.91
C GLU C 46 -8.14 -3.13 -9.84
N TRP C 47 -7.71 -3.66 -10.98
CA TRP C 47 -6.96 -2.92 -11.99
C TRP C 47 -7.99 -2.15 -12.80
N ILE C 48 -7.79 -0.83 -12.96
CA ILE C 48 -8.74 -0.02 -13.73
C ILE C 48 -8.31 0.29 -15.18
N GLY C 49 -7.02 0.52 -15.38
CA GLY C 49 -6.51 0.81 -16.72
C GLY C 49 -5.01 0.98 -16.80
N ILE C 50 -4.50 1.18 -18.02
CA ILE C 50 -3.07 1.33 -18.33
C ILE C 50 -2.80 2.37 -19.41
N ILE C 51 -1.67 3.07 -19.28
CA ILE C 51 -1.15 4.01 -20.25
C ILE C 51 0.27 3.49 -20.54
N TRP C 52 0.44 2.82 -21.69
CA TRP C 52 1.72 2.26 -22.12
C TRP C 52 2.69 3.38 -22.49
N GLY C 53 3.97 3.03 -22.60
CA GLY C 53 5.03 3.97 -22.96
C GLY C 53 4.73 4.83 -24.18
N ASP C 54 4.14 4.23 -25.24
CA ASP C 54 3.80 4.91 -26.50
C ASP C 54 2.64 5.93 -26.43
N GLY C 55 1.87 5.89 -25.34
CA GLY C 55 0.73 6.78 -25.11
C GLY C 55 -0.61 6.10 -25.28
N THR C 56 -0.62 4.80 -25.70
CA THR C 56 -1.82 3.98 -25.89
C THR C 56 -2.35 3.50 -24.55
N THR C 57 -3.67 3.47 -24.46
CA THR C 57 -4.38 3.08 -23.25
C THR C 57 -5.20 1.81 -23.46
N ASP C 58 -5.67 1.24 -22.35
CA ASP C 58 -6.59 0.12 -22.23
C ASP C 58 -7.19 0.18 -20.85
N TYR C 59 -8.51 0.14 -20.79
CA TYR C 59 -9.28 0.26 -19.55
C TYR C 59 -10.07 -0.99 -19.27
N ASN C 60 -10.24 -1.33 -17.98
CA ASN C 60 -11.05 -2.50 -17.57
C ASN C 60 -12.50 -2.23 -17.99
N SER C 61 -13.15 -3.24 -18.64
CA SER C 61 -14.54 -3.19 -19.13
C SER C 61 -15.54 -2.73 -18.06
N ALA C 62 -15.32 -3.15 -16.80
CA ALA C 62 -16.13 -2.80 -15.61
C ALA C 62 -16.31 -1.28 -15.41
N VAL C 63 -15.30 -0.49 -15.80
CA VAL C 63 -15.29 0.96 -15.64
C VAL C 63 -15.16 1.76 -16.98
N LYS C 64 -14.69 1.09 -18.08
CA LYS C 64 -14.41 1.56 -19.45
C LYS C 64 -15.08 2.86 -19.96
N SER C 65 -16.43 2.97 -19.87
CA SER C 65 -17.20 4.14 -20.34
C SER C 65 -16.95 5.42 -19.54
N ARG C 66 -16.38 5.30 -18.34
CA ARG C 66 -16.15 6.43 -17.45
C ARG C 66 -14.67 6.81 -17.28
N VAL C 67 -13.75 5.96 -17.78
CA VAL C 67 -12.30 6.12 -17.63
C VAL C 67 -11.55 6.93 -18.70
N THR C 68 -10.62 7.78 -18.23
CA THR C 68 -9.68 8.58 -19.00
C THR C 68 -8.32 8.56 -18.30
N ILE C 69 -7.31 8.00 -18.95
CA ILE C 69 -5.94 7.97 -18.44
C ILE C 69 -5.05 8.70 -19.45
N SER C 70 -4.38 9.75 -18.99
CA SER C 70 -3.50 10.58 -19.82
C SER C 70 -2.16 10.82 -19.10
N LYS C 71 -1.21 11.47 -19.77
CA LYS C 71 0.08 11.77 -19.18
C LYS C 71 0.67 13.06 -19.68
N ASP C 72 1.33 13.79 -18.78
CA ASP C 72 2.02 15.04 -19.10
C ASP C 72 3.48 14.86 -18.73
N THR C 73 4.27 14.50 -19.72
CA THR C 73 5.70 14.24 -19.60
C THR C 73 6.49 15.48 -19.12
N SER C 74 6.01 16.70 -19.48
CA SER C 74 6.57 18.00 -19.10
C SER C 74 6.42 18.27 -17.59
N LYS C 75 5.31 17.79 -16.99
CA LYS C 75 5.00 17.95 -15.57
C LYS C 75 5.31 16.66 -14.75
N ASN C 76 5.81 15.59 -15.42
CA ASN C 76 6.10 14.27 -14.81
C ASN C 76 4.87 13.73 -14.09
N GLN C 77 3.73 13.75 -14.80
CA GLN C 77 2.43 13.41 -14.26
C GLN C 77 1.62 12.51 -15.16
N PHE C 78 0.72 11.73 -14.51
CA PHE C 78 -0.25 10.84 -15.15
C PHE C 78 -1.61 11.18 -14.54
N SER C 79 -2.64 11.32 -15.37
CA SER C 79 -3.96 11.60 -14.84
C SER C 79 -4.90 10.39 -14.92
N LEU C 80 -5.96 10.42 -14.09
CA LEU C 80 -7.06 9.45 -14.06
C LEU C 80 -8.34 10.23 -13.86
N LYS C 81 -9.29 10.06 -14.78
CA LYS C 81 -10.61 10.68 -14.69
C LYS C 81 -11.66 9.59 -14.73
N LEU C 82 -12.51 9.57 -13.70
CA LEU C 82 -13.59 8.62 -13.53
C LEU C 82 -14.90 9.41 -13.44
N SER C 83 -15.64 9.43 -14.57
CA SER C 83 -16.91 10.15 -14.70
C SER C 83 -18.07 9.41 -14.05
N SER C 84 -19.24 10.10 -13.92
CA SER C 84 -20.52 9.57 -13.40
C SER C 84 -20.35 8.67 -12.16
N VAL C 85 -19.57 9.19 -11.19
CA VAL C 85 -19.16 8.56 -9.93
C VAL C 85 -20.31 8.16 -8.95
N THR C 86 -20.19 6.96 -8.35
CA THR C 86 -21.13 6.31 -7.41
C THR C 86 -20.36 5.80 -6.17
N ALA C 87 -21.07 5.38 -5.10
CA ALA C 87 -20.45 4.85 -3.86
C ALA C 87 -19.58 3.60 -4.07
N ALA C 88 -19.78 2.89 -5.21
CA ALA C 88 -18.99 1.73 -5.63
C ALA C 88 -17.57 2.19 -6.06
N ASP C 89 -17.38 3.51 -6.20
CA ASP C 89 -16.11 4.13 -6.56
C ASP C 89 -15.33 4.63 -5.32
N THR C 90 -15.93 4.53 -4.11
CA THR C 90 -15.22 4.86 -2.88
C THR C 90 -14.13 3.80 -2.76
N ALA C 91 -12.86 4.25 -2.74
CA ALA C 91 -11.70 3.36 -2.70
C ALA C 91 -10.43 4.13 -2.54
N VAL C 92 -9.35 3.39 -2.19
CA VAL C 92 -7.97 3.88 -2.17
C VAL C 92 -7.49 3.62 -3.60
N TYR C 93 -7.15 4.70 -4.31
CA TYR C 93 -6.64 4.64 -5.66
C TYR C 93 -5.11 4.68 -5.64
N TYR C 94 -4.51 3.72 -6.35
CA TYR C 94 -3.07 3.55 -6.47
C TYR C 94 -2.64 3.77 -7.90
N CYS C 95 -1.51 4.42 -8.06
CA CYS C 95 -0.88 4.48 -9.36
C CYS C 95 0.33 3.55 -9.22
N ALA C 96 0.49 2.64 -10.17
CA ALA C 96 1.59 1.69 -10.12
C ALA C 96 2.30 1.61 -11.45
N ARG C 97 3.65 1.70 -11.44
CA ARG C 97 4.30 1.55 -12.71
C ARG C 97 4.55 0.11 -13.03
N GLY C 98 4.40 -0.20 -14.31
CA GLY C 98 4.67 -1.52 -14.81
C GLY C 98 6.15 -1.68 -15.11
N GLY C 99 6.59 -2.91 -14.96
CA GLY C 99 7.97 -3.28 -15.22
C GLY C 99 7.94 -4.53 -16.06
N TYR C 100 9.00 -4.71 -16.86
CA TYR C 100 9.14 -5.86 -17.74
C TYR C 100 10.41 -6.61 -17.54
N TRP C 101 10.31 -7.94 -17.69
CA TRP C 101 11.44 -8.84 -17.77
C TRP C 101 11.26 -9.42 -19.17
N TYR C 102 11.91 -8.78 -20.17
CA TYR C 102 11.79 -9.03 -21.60
C TYR C 102 10.31 -8.77 -21.93
N ALA C 103 9.76 -9.27 -23.05
CA ALA C 103 8.32 -9.16 -23.29
C ALA C 103 7.65 -10.40 -22.65
N THR C 104 8.39 -11.15 -21.84
CA THR C 104 7.99 -12.41 -21.23
C THR C 104 7.16 -12.21 -19.97
N SER C 105 7.61 -11.30 -19.10
CA SER C 105 6.93 -11.05 -17.84
C SER C 105 6.71 -9.59 -17.62
N TYR C 106 5.53 -9.27 -17.09
CA TYR C 106 5.09 -7.93 -16.73
C TYR C 106 4.60 -7.92 -15.30
N TYR C 107 4.89 -6.87 -14.57
CA TYR C 107 4.55 -6.75 -13.14
C TYR C 107 4.45 -5.28 -12.72
N PHE C 108 3.71 -4.97 -11.63
CA PHE C 108 3.59 -3.61 -11.08
C PHE C 108 4.66 -3.49 -10.02
N ASP C 109 5.82 -2.96 -10.41
CA ASP C 109 7.01 -2.88 -9.56
C ASP C 109 7.06 -1.76 -8.55
N TYR C 110 6.56 -0.57 -8.94
CA TYR C 110 6.58 0.60 -8.06
C TYR C 110 5.21 1.20 -7.87
N TRP C 111 4.79 1.31 -6.61
CA TRP C 111 3.46 1.82 -6.32
C TRP C 111 3.51 3.10 -5.53
N GLY C 112 2.48 3.90 -5.68
CA GLY C 112 2.27 5.09 -4.86
C GLY C 112 1.75 4.60 -3.52
N GLN C 113 1.59 5.47 -2.54
CA GLN C 113 1.09 5.03 -1.24
C GLN C 113 -0.45 5.00 -1.16
N GLY C 114 -1.10 5.48 -2.23
CA GLY C 114 -2.54 5.51 -2.38
C GLY C 114 -3.22 6.71 -1.75
N THR C 115 -4.27 7.20 -2.41
CA THR C 115 -5.14 8.27 -1.93
C THR C 115 -6.56 7.72 -1.81
N LEU C 116 -7.21 7.93 -0.63
CA LEU C 116 -8.58 7.50 -0.38
C LEU C 116 -9.55 8.50 -1.03
N VAL C 117 -10.48 8.01 -1.85
CA VAL C 117 -11.50 8.87 -2.44
C VAL C 117 -12.84 8.37 -1.96
N THR C 118 -13.59 9.26 -1.29
CA THR C 118 -14.92 8.98 -0.78
C THR C 118 -15.96 9.68 -1.64
N VAL C 119 -17.02 8.95 -2.01
CA VAL C 119 -18.14 9.51 -2.75
C VAL C 119 -19.35 9.66 -1.84
N SER C 120 -19.72 10.93 -1.56
CA SER C 120 -20.78 11.29 -0.61
C SER C 120 -21.37 12.65 -0.95
N SER C 121 -22.65 12.86 -0.62
CA SER C 121 -23.34 14.13 -0.81
C SER C 121 -23.01 15.03 0.38
N ALA C 122 -22.56 14.41 1.51
CA ALA C 122 -22.18 15.04 2.77
C ALA C 122 -20.99 15.97 2.62
N SER C 123 -20.89 16.93 3.53
CA SER C 123 -19.87 17.98 3.51
C SER C 123 -18.63 17.65 4.29
N THR C 124 -17.51 18.24 3.86
CA THR C 124 -16.24 18.07 4.56
C THR C 124 -16.31 18.76 5.91
N LYS C 125 -15.84 18.10 6.98
CA LYS C 125 -15.79 18.67 8.32
C LYS C 125 -14.42 18.39 8.91
N GLY C 126 -13.72 19.43 9.32
CA GLY C 126 -12.42 19.32 9.94
C GLY C 126 -12.55 18.82 11.37
N PRO C 127 -11.51 18.18 11.94
CA PRO C 127 -11.66 17.66 13.30
C PRO C 127 -11.43 18.66 14.42
N SER C 128 -11.85 18.25 15.61
CA SER C 128 -11.58 18.92 16.88
C SER C 128 -10.57 17.96 17.53
N VAL C 129 -9.52 18.51 18.12
CA VAL C 129 -8.51 17.68 18.74
C VAL C 129 -8.55 17.96 20.24
N PHE C 130 -8.60 16.89 21.04
CA PHE C 130 -8.68 16.97 22.50
C PHE C 130 -7.54 16.20 23.10
N PRO C 131 -7.02 16.61 24.26
CA PRO C 131 -5.93 15.82 24.86
C PRO C 131 -6.43 14.58 25.58
N LEU C 132 -5.60 13.55 25.57
CA LEU C 132 -5.82 12.33 26.33
C LEU C 132 -4.71 12.34 27.37
N ALA C 133 -5.04 12.75 28.60
CA ALA C 133 -4.10 12.85 29.73
C ALA C 133 -4.63 12.05 30.93
N PRO C 134 -3.78 11.43 31.77
CA PRO C 134 -4.33 10.72 32.94
C PRO C 134 -4.90 11.68 33.97
N CYS C 135 -5.84 11.20 34.80
CA CYS C 135 -6.45 12.00 35.87
C CYS C 135 -5.39 12.31 36.96
N SER C 136 -4.66 11.27 37.43
CA SER C 136 -3.63 11.38 38.45
C SER C 136 -2.34 11.99 37.87
N THR C 143 5.80 3.68 33.19
CA THR C 143 4.94 3.38 32.05
C THR C 143 3.70 4.30 32.06
N ALA C 144 3.79 5.43 31.35
CA ALA C 144 2.72 6.42 31.27
C ALA C 144 2.19 6.57 29.86
N ALA C 145 0.91 6.84 29.72
CA ALA C 145 0.33 7.03 28.41
C ALA C 145 -0.31 8.39 28.25
N LEU C 146 -0.27 8.93 27.03
CA LEU C 146 -0.92 10.16 26.65
C LEU C 146 -1.38 10.07 25.21
N GLY C 147 -2.23 10.99 24.79
CA GLY C 147 -2.69 10.94 23.43
C GLY C 147 -3.52 12.11 23.01
N CYS C 148 -4.11 11.98 21.82
CA CYS C 148 -4.99 12.93 21.15
C CYS C 148 -6.23 12.21 20.67
N LEU C 149 -7.37 12.86 20.83
CA LEU C 149 -8.65 12.37 20.36
C LEU C 149 -9.05 13.32 19.24
N VAL C 150 -9.04 12.80 18.01
CA VAL C 150 -9.39 13.51 16.78
C VAL C 150 -10.87 13.17 16.50
N LYS C 151 -11.78 14.06 16.94
CA LYS C 151 -13.23 13.89 16.90
C LYS C 151 -13.92 14.67 15.80
N ASP C 152 -15.08 14.15 15.35
CA ASP C 152 -16.04 14.71 14.40
C ASP C 152 -15.50 15.22 13.05
N TYR C 153 -14.88 14.35 12.31
CA TYR C 153 -14.37 14.73 11.01
C TYR C 153 -14.99 13.90 9.88
N PHE C 154 -15.04 14.51 8.70
CA PHE C 154 -15.53 13.83 7.50
C PHE C 154 -14.85 14.43 6.26
N PRO C 155 -14.44 13.62 5.26
CA PRO C 155 -14.44 12.15 5.23
C PRO C 155 -13.15 11.65 5.87
N GLU C 156 -12.80 10.42 5.60
CA GLU C 156 -11.52 9.91 6.04
C GLU C 156 -10.53 10.29 4.91
N PRO C 157 -9.22 10.35 5.17
CA PRO C 157 -8.51 10.04 6.42
C PRO C 157 -8.05 11.27 7.20
N VAL C 158 -7.36 10.97 8.29
CA VAL C 158 -6.67 11.88 9.16
C VAL C 158 -5.31 11.19 9.39
N THR C 159 -4.22 11.93 9.26
CA THR C 159 -2.90 11.40 9.61
C THR C 159 -2.49 12.05 10.93
N VAL C 160 -1.87 11.26 11.80
CA VAL C 160 -1.39 11.73 13.10
C VAL C 160 0.08 11.37 13.26
N SER C 161 0.90 12.37 13.60
CA SER C 161 2.33 12.20 13.88
C SER C 161 2.58 12.83 15.24
N TRP C 162 3.69 12.47 15.89
CA TRP C 162 4.07 12.96 17.20
C TRP C 162 5.41 13.57 17.12
N ASN C 163 5.52 14.82 17.65
CA ASN C 163 6.71 15.65 17.70
C ASN C 163 7.27 15.81 16.30
N SER C 164 6.35 16.11 15.33
CA SER C 164 6.66 16.32 13.90
C SER C 164 7.35 15.08 13.29
N GLY C 165 6.92 13.90 13.70
CA GLY C 165 7.48 12.65 13.22
C GLY C 165 8.74 12.18 13.89
N ALA C 166 9.30 12.97 14.85
CA ALA C 166 10.52 12.61 15.59
C ALA C 166 10.25 11.57 16.67
N LEU C 167 8.98 11.37 17.06
CA LEU C 167 8.56 10.37 18.04
C LEU C 167 7.68 9.32 17.36
N THR C 168 8.19 8.08 17.28
CA THR C 168 7.51 6.94 16.63
C THR C 168 7.38 5.71 17.53
N SER C 169 8.35 5.49 18.42
CA SER C 169 8.31 4.37 19.36
C SER C 169 7.25 4.59 20.44
N GLY C 170 6.36 3.59 20.58
CA GLY C 170 5.26 3.59 21.53
C GLY C 170 3.96 4.19 21.00
N VAL C 171 3.96 4.64 19.73
CA VAL C 171 2.81 5.28 19.09
C VAL C 171 1.80 4.24 18.53
N HIS C 172 0.52 4.43 18.86
CA HIS C 172 -0.58 3.63 18.31
C HIS C 172 -1.64 4.61 17.87
N THR C 173 -1.89 4.67 16.57
CA THR C 173 -2.92 5.50 15.96
C THR C 173 -3.94 4.45 15.53
N PHE C 174 -5.11 4.50 16.17
CA PHE C 174 -6.18 3.53 16.01
C PHE C 174 -7.02 3.77 14.79
N PRO C 175 -7.64 2.73 14.20
CA PRO C 175 -8.59 2.96 13.10
C PRO C 175 -9.74 3.88 13.53
N ALA C 176 -10.19 4.75 12.64
CA ALA C 176 -11.32 5.63 12.94
C ALA C 176 -12.56 4.81 13.17
N VAL C 177 -13.43 5.31 14.02
CA VAL C 177 -14.71 4.67 14.29
C VAL C 177 -15.76 5.63 13.73
N LEU C 178 -16.80 5.09 13.07
CA LEU C 178 -17.90 5.88 12.48
C LEU C 178 -18.96 6.05 13.54
N GLN C 179 -19.26 7.30 13.88
CA GLN C 179 -20.26 7.62 14.89
C GLN C 179 -21.67 7.68 14.29
N SER C 180 -22.68 7.70 15.17
CA SER C 180 -24.11 7.81 14.86
C SER C 180 -24.41 9.07 14.04
N SER C 181 -23.62 10.13 14.25
CA SER C 181 -23.64 11.43 13.58
C SER C 181 -23.12 11.39 12.13
N GLY C 182 -22.52 10.26 11.74
CA GLY C 182 -21.97 10.07 10.40
C GLY C 182 -20.57 10.63 10.28
N LEU C 183 -20.03 11.10 11.43
CA LEU C 183 -18.70 11.68 11.56
C LEU C 183 -17.77 10.66 12.14
N TYR C 184 -16.49 10.80 11.81
CA TYR C 184 -15.44 9.88 12.26
C TYR C 184 -14.78 10.40 13.49
N SER C 185 -14.14 9.49 14.22
CA SER C 185 -13.43 9.80 15.44
C SER C 185 -12.30 8.81 15.64
N LEU C 186 -11.13 9.31 15.94
CA LEU C 186 -10.00 8.46 16.24
C LEU C 186 -9.15 8.92 17.37
N SER C 187 -8.37 7.98 17.91
CA SER C 187 -7.41 8.29 18.93
C SER C 187 -6.03 7.82 18.51
N SER C 188 -5.03 8.63 18.89
CA SER C 188 -3.62 8.32 18.73
C SER C 188 -3.06 8.39 20.13
N VAL C 189 -2.28 7.38 20.53
CA VAL C 189 -1.69 7.31 21.87
C VAL C 189 -0.19 7.06 21.80
N VAL C 190 0.53 7.51 22.81
CA VAL C 190 1.96 7.31 22.92
C VAL C 190 2.29 6.90 24.34
N THR C 191 3.04 5.82 24.49
CA THR C 191 3.47 5.33 25.81
C THR C 191 4.93 5.71 26.05
N VAL C 192 5.20 6.24 27.24
CA VAL C 192 6.50 6.73 27.66
C VAL C 192 6.88 6.21 29.07
N PRO C 193 8.19 6.10 29.42
CA PRO C 193 8.54 5.69 30.80
C PRO C 193 8.11 6.77 31.79
N SER C 194 7.65 6.35 33.00
CA SER C 194 7.15 7.18 34.10
C SER C 194 7.91 8.50 34.34
N SER C 195 9.27 8.47 34.34
CA SER C 195 10.13 9.62 34.59
C SER C 195 10.95 10.10 33.36
N ASN C 196 10.30 10.24 32.20
CA ASN C 196 10.93 10.70 30.95
C ASN C 196 10.49 12.14 30.58
N PHE C 197 9.79 12.82 31.51
CA PHE C 197 9.26 14.18 31.36
C PHE C 197 10.30 15.24 31.70
N GLY C 198 9.97 16.15 32.63
CA GLY C 198 10.83 17.25 33.05
C GLY C 198 10.82 18.37 32.03
N THR C 199 11.49 18.14 30.88
CA THR C 199 11.56 19.08 29.75
C THR C 199 10.83 18.54 28.49
N GLN C 200 10.31 17.29 28.57
CA GLN C 200 9.62 16.62 27.46
C GLN C 200 8.19 17.10 27.16
N THR C 201 8.06 17.69 25.95
CA THR C 201 6.83 18.21 25.33
C THR C 201 6.33 17.12 24.37
N TYR C 202 5.02 16.80 24.40
CA TYR C 202 4.42 15.84 23.48
C TYR C 202 3.36 16.55 22.68
N THR C 203 3.55 16.60 21.36
CA THR C 203 2.65 17.29 20.45
C THR C 203 2.17 16.32 19.37
N CYS C 204 0.87 16.27 19.16
CA CYS C 204 0.34 15.44 18.11
C CYS C 204 0.00 16.34 16.95
N ASN C 205 0.46 15.98 15.78
CA ASN C 205 0.29 16.75 14.55
C ASN C 205 -0.75 16.08 13.73
N VAL C 206 -1.91 16.71 13.73
CA VAL C 206 -3.10 16.22 13.07
C VAL C 206 -3.32 16.93 11.74
N ASP C 207 -3.42 16.15 10.68
CA ASP C 207 -3.65 16.71 9.36
C ASP C 207 -4.87 16.01 8.76
N HIS C 208 -5.84 16.80 8.29
CA HIS C 208 -7.07 16.35 7.62
C HIS C 208 -7.14 17.10 6.29
N LYS C 209 -6.38 16.58 5.28
CA LYS C 209 -6.27 17.18 3.94
C LYS C 209 -7.63 17.54 3.30
N PRO C 210 -8.71 16.70 3.41
CA PRO C 210 -9.98 17.07 2.79
C PRO C 210 -10.58 18.44 3.17
N SER C 211 -10.37 18.88 4.42
CA SER C 211 -10.86 20.17 4.92
C SER C 211 -9.73 21.21 5.01
N ASN C 212 -8.48 20.76 4.72
CA ASN C 212 -7.22 21.53 4.80
C ASN C 212 -7.01 22.13 6.20
N THR C 213 -7.12 21.24 7.21
CA THR C 213 -6.98 21.47 8.64
C THR C 213 -5.69 20.81 9.10
N LYS C 214 -4.84 21.58 9.77
CA LYS C 214 -3.63 21.11 10.43
C LYS C 214 -3.76 21.64 11.84
N VAL C 215 -3.62 20.75 12.83
CA VAL C 215 -3.72 21.05 14.25
C VAL C 215 -2.49 20.49 14.96
N ASP C 216 -1.80 21.32 15.73
CA ASP C 216 -0.66 20.91 16.55
C ASP C 216 -1.13 21.01 18.00
N LYS C 217 -1.46 19.86 18.62
CA LYS C 217 -1.92 19.80 20.01
C LYS C 217 -0.86 19.29 20.99
N THR C 218 -0.47 20.14 21.96
CA THR C 218 0.50 19.85 23.00
C THR C 218 -0.25 19.28 24.21
N VAL C 219 0.10 18.05 24.60
CA VAL C 219 -0.54 17.36 25.73
C VAL C 219 0.34 17.42 26.95
N GLU C 220 -0.20 17.92 28.06
CA GLU C 220 0.54 18.06 29.32
C GLU C 220 0.14 17.03 30.38
N ARG C 221 1.09 16.66 31.27
CA ARG C 221 0.84 15.74 32.37
C ARG C 221 -0.04 16.39 33.47
C1 GOL D . -10.09 5.16 18.24
O1 GOL D . -9.93 5.45 16.85
C2 GOL D . -11.54 4.91 18.58
O2 GOL D . -12.30 6.13 18.44
C3 GOL D . -11.57 4.48 20.02
O3 GOL D . -12.86 4.02 20.37
#